data_2XJS
#
_entry.id   2XJS
#
_cell.length_a   46.450
_cell.length_b   61.960
_cell.length_c   106.530
_cell.angle_alpha   90.00
_cell.angle_beta   90.00
_cell.angle_gamma   90.00
#
_symmetry.space_group_name_H-M   'P 21 21 21'
#
loop_
_entity.id
_entity.type
_entity.pdbx_description
1 polymer 'FLOCCULATION PROTEIN FLO5'
2 branched alpha-D-mannopyranose-(1-2)-alpha-D-mannopyranose
3 non-polymer 'CALCIUM ION'
4 non-polymer 'SODIUM ION'
5 non-polymer 'CHLORIDE ION'
6 water water
#
_entity_poly.entity_id   1
_entity_poly.type   'polypeptide(L)'
_entity_poly.pdbx_seq_one_letter_code
;GLVPRGSHMSGATEACLPAGQRKSGMNINFYQYSLKDSSTYSNAAYMAYGYASKTKLGSVGGQTDISIDYNIPCVSSSGT
FPCPQEDSYGNWGCKGMGACSNSQGIAYWSTDLFGFYTTPTNVTLEMTGYFLPPQTGSYTFSFATVDDSAILSVGGSIAF
ECCAQEQPPITSTNFTINGIKPWDGSLPDNITGTVYMYAGYYYPLKVVYSNAVSWGTLPISVELPDGTTVSDNFEGYVYS
FDDDLSQSNCTIPDPSIH
;
_entity_poly.pdbx_strand_id   A
#
loop_
_chem_comp.id
_chem_comp.type
_chem_comp.name
_chem_comp.formula
CA non-polymer 'CALCIUM ION' 'Ca 2'
CL non-polymer 'CHLORIDE ION' 'Cl -1'
MAN D-saccharide, alpha linking alpha-D-mannopyranose 'C6 H12 O6'
NA non-polymer 'SODIUM ION' 'Na 1'
#
# COMPACT_ATOMS: atom_id res chain seq x y z
N GLY A 1 -14.51 -22.26 -29.97
CA GLY A 1 -14.55 -20.98 -30.74
C GLY A 1 -13.17 -20.44 -31.08
N LEU A 2 -12.94 -19.90 -32.27
CA LEU A 2 -11.61 -19.42 -32.62
C LEU A 2 -10.89 -18.54 -31.59
N VAL A 3 -11.65 -17.73 -30.87
CA VAL A 3 -11.09 -16.80 -29.90
C VAL A 3 -11.78 -16.91 -28.54
N PRO A 4 -11.12 -16.48 -27.46
CA PRO A 4 -11.76 -16.44 -26.16
CA PRO A 4 -11.81 -16.48 -26.18
C PRO A 4 -12.88 -15.40 -26.25
N ARG A 5 -13.96 -15.60 -25.50
CA ARG A 5 -15.13 -14.71 -25.51
C ARG A 5 -14.99 -13.38 -24.76
N GLY A 6 -14.03 -13.33 -23.83
CA GLY A 6 -13.80 -12.17 -23.00
C GLY A 6 -14.56 -12.24 -21.70
N SER A 7 -14.04 -11.62 -20.66
CA SER A 7 -14.77 -11.52 -19.39
C SER A 7 -16.12 -10.81 -19.61
N HIS A 8 -17.14 -11.25 -18.88
CA HIS A 8 -18.49 -10.69 -19.03
C HIS A 8 -18.61 -9.21 -18.67
N MET A 9 -19.36 -8.49 -19.50
CA MET A 9 -19.63 -7.05 -19.39
C MET A 9 -18.36 -6.24 -19.12
N SER A 10 -17.36 -6.49 -19.97
CA SER A 10 -16.02 -5.93 -19.90
C SER A 10 -15.51 -5.90 -18.45
N GLY A 11 -15.68 -7.02 -17.75
CA GLY A 11 -15.33 -7.14 -16.36
C GLY A 11 -13.82 -7.34 -16.14
N ALA A 12 -12.98 -7.55 -17.16
CA ALA A 12 -11.54 -7.72 -16.93
C ALA A 12 -10.94 -6.41 -16.40
N THR A 13 -9.97 -6.59 -15.51
CA THR A 13 -9.21 -5.48 -14.98
C THR A 13 -8.31 -4.92 -16.07
N GLU A 14 -8.30 -3.59 -16.22
CA GLU A 14 -7.42 -2.95 -17.18
C GLU A 14 -5.96 -3.10 -16.78
N ALA A 15 -5.09 -3.37 -17.74
CA ALA A 15 -3.66 -3.51 -17.53
C ALA A 15 -2.93 -2.67 -18.56
N CYS A 16 -1.61 -2.82 -18.61
CA CYS A 16 -0.77 -1.93 -19.35
C CYS A 16 0.41 -2.68 -19.93
N LEU A 17 1.01 -2.16 -21.00
CA LEU A 17 2.25 -2.68 -21.58
C LEU A 17 3.21 -1.51 -21.83
N PRO A 18 3.79 -0.95 -20.76
CA PRO A 18 4.72 0.18 -20.96
C PRO A 18 5.95 -0.28 -21.72
N ALA A 19 6.40 0.54 -22.69
CA ALA A 19 7.51 0.18 -23.58
C ALA A 19 8.87 0.69 -23.12
N GLY A 20 8.89 1.50 -22.07
CA GLY A 20 10.13 2.13 -21.59
C GLY A 20 10.96 1.22 -20.69
N GLN A 21 11.98 1.86 -20.11
CA GLN A 21 12.92 1.13 -19.26
C GLN A 21 12.29 0.77 -17.92
N ARG A 22 12.20 -0.53 -17.69
CA ARG A 22 11.64 -0.98 -16.43
C ARG A 22 12.63 -0.85 -15.28
N LYS A 23 12.17 -0.43 -14.10
CA LYS A 23 12.96 -0.29 -12.90
C LYS A 23 12.36 -1.21 -11.82
N SER A 24 13.20 -1.90 -11.07
CA SER A 24 12.72 -2.76 -10.00
C SER A 24 12.13 -1.93 -8.84
N GLY A 25 10.97 -2.35 -8.34
CA GLY A 25 10.40 -1.75 -7.14
C GLY A 25 9.40 -0.64 -7.36
N MET A 26 8.83 -0.23 -6.24
CA MET A 26 7.82 0.80 -6.19
CA MET A 26 7.79 0.78 -6.11
C MET A 26 8.38 2.14 -5.75
N ASN A 27 7.70 3.19 -6.18
CA ASN A 27 7.99 4.55 -5.72
C ASN A 27 7.13 4.78 -4.47
N ILE A 28 7.74 5.44 -3.47
CA ILE A 28 7.04 5.82 -2.24
C ILE A 28 7.11 7.33 -2.07
N ASN A 29 5.97 8.00 -2.11
CA ASN A 29 5.84 9.43 -1.80
C ASN A 29 5.30 9.56 -0.38
N PHE A 30 5.80 10.57 0.33
CA PHE A 30 5.47 10.86 1.71
C PHE A 30 4.78 12.23 1.78
N TYR A 31 3.70 12.28 2.55
CA TYR A 31 2.91 13.50 2.73
C TYR A 31 2.62 13.76 4.20
N GLN A 32 2.46 15.04 4.52
CA GLN A 32 2.16 15.48 5.89
C GLN A 32 0.84 14.90 6.38
N TYR A 33 0.85 14.45 7.64
CA TYR A 33 -0.34 14.01 8.32
C TYR A 33 -0.18 14.43 9.79
N SER A 34 -1.23 15.03 10.35
CA SER A 34 -1.12 15.61 11.69
C SER A 34 -1.16 14.60 12.83
N LEU A 35 -0.21 14.76 13.75
CA LEU A 35 -0.19 13.93 14.96
C LEU A 35 -1.55 13.94 15.67
N LYS A 36 -2.06 12.74 15.92
CA LYS A 36 -3.32 12.52 16.66
C LYS A 36 -4.58 12.99 15.95
N ASP A 37 -4.50 13.21 14.64
CA ASP A 37 -5.66 13.46 13.79
C ASP A 37 -6.31 12.10 13.51
N SER A 38 -7.40 11.85 14.23
CA SER A 38 -8.09 10.58 14.07
C SER A 38 -9.30 10.64 13.15
N SER A 39 -9.43 11.71 12.37
CA SER A 39 -10.56 11.82 11.46
CA SER A 39 -10.54 11.94 11.47
C SER A 39 -10.18 11.95 9.99
N THR A 40 -9.11 12.64 9.59
CA THR A 40 -8.83 12.88 8.18
C THR A 40 -8.72 11.59 7.38
N TYR A 41 -8.05 10.61 7.95
CA TYR A 41 -7.80 9.33 7.29
CA TYR A 41 -7.81 9.37 7.21
C TYR A 41 -8.99 8.38 7.20
N SER A 42 -10.14 8.83 7.70
CA SER A 42 -11.38 8.04 7.66
C SER A 42 -12.22 8.37 6.43
N ASN A 43 -11.81 9.31 5.60
CA ASN A 43 -12.51 9.73 4.39
CA ASN A 43 -12.51 9.74 4.41
C ASN A 43 -11.94 9.05 3.17
N ALA A 44 -12.81 8.44 2.35
CA ALA A 44 -12.38 7.75 1.14
C ALA A 44 -11.70 8.67 0.15
N ALA A 45 -12.17 9.91 -0.03
CA ALA A 45 -11.59 10.88 -0.92
C ALA A 45 -10.15 11.16 -0.44
N TYR A 46 -9.93 11.29 0.87
CA TYR A 46 -8.60 11.60 1.41
C TYR A 46 -7.66 10.44 1.06
N MET A 47 -8.09 9.21 1.31
CA MET A 47 -7.22 8.04 1.08
C MET A 47 -7.01 7.71 -0.42
N ALA A 48 -7.95 8.03 -1.30
CA ALA A 48 -7.79 7.85 -2.73
C ALA A 48 -6.90 8.89 -3.39
N TYR A 49 -7.02 10.16 -2.99
CA TYR A 49 -6.28 11.24 -3.64
C TYR A 49 -6.07 12.49 -2.80
N GLY A 50 -6.91 12.77 -1.80
CA GLY A 50 -6.76 14.01 -1.05
C GLY A 50 -5.47 14.13 -0.26
N TYR A 51 -4.84 13.00 0.03
CA TYR A 51 -3.53 13.03 0.70
C TYR A 51 -2.51 13.92 -0.05
N ALA A 52 -2.62 13.96 -1.38
CA ALA A 52 -1.64 14.69 -2.19
C ALA A 52 -1.87 16.20 -2.18
N SER A 53 -2.95 16.64 -1.56
CA SER A 53 -3.23 18.08 -1.38
CA SER A 53 -3.23 18.07 -1.38
C SER A 53 -2.48 18.61 -0.15
N LYS A 54 -1.92 17.73 0.67
CA LYS A 54 -1.13 18.16 1.82
C LYS A 54 0.32 18.26 1.35
N THR A 55 1.20 18.84 2.15
CA THR A 55 2.59 19.01 1.77
C THR A 55 3.25 17.68 1.48
N LYS A 56 3.94 17.62 0.35
CA LYS A 56 4.77 16.47 -0.01
C LYS A 56 6.10 16.62 0.72
N LEU A 57 6.47 15.62 1.51
CA LEU A 57 7.69 15.63 2.31
C LEU A 57 8.92 15.15 1.55
N GLY A 58 8.72 14.25 0.59
CA GLY A 58 9.82 13.68 -0.17
C GLY A 58 9.38 12.33 -0.72
N SER A 59 10.38 11.58 -1.15
CA SER A 59 10.13 10.32 -1.83
C SER A 59 11.36 9.41 -1.83
N VAL A 60 11.13 8.12 -2.04
CA VAL A 60 12.16 7.11 -2.27
CA VAL A 60 12.18 7.16 -2.31
C VAL A 60 11.66 6.22 -3.41
N GLY A 61 12.57 5.73 -4.23
CA GLY A 61 12.19 4.83 -5.33
C GLY A 61 12.78 3.44 -5.15
N GLY A 62 12.37 2.52 -6.01
CA GLY A 62 13.03 1.22 -6.06
C GLY A 62 12.76 0.31 -4.88
N GLN A 63 11.63 0.45 -4.21
CA GLN A 63 11.34 -0.30 -2.99
C GLN A 63 10.62 -1.60 -3.30
N THR A 64 11.22 -2.72 -2.88
CA THR A 64 10.60 -4.02 -3.06
C THR A 64 10.03 -4.66 -1.80
N ASP A 65 10.53 -4.27 -0.64
CA ASP A 65 10.06 -4.72 0.67
C ASP A 65 9.09 -3.62 1.08
N ILE A 66 7.79 -3.90 1.03
CA ILE A 66 6.76 -2.89 1.13
C ILE A 66 5.90 -2.91 2.38
N SER A 67 6.06 -3.89 3.25
CA SER A 67 5.31 -3.91 4.48
C SER A 67 5.81 -2.84 5.46
N ILE A 68 4.90 -2.42 6.34
CA ILE A 68 5.25 -1.41 7.37
CA ILE A 68 5.14 -1.39 7.36
C ILE A 68 5.17 -2.08 8.73
N ASP A 69 6.21 -1.86 9.53
CA ASP A 69 6.29 -2.37 10.91
C ASP A 69 7.08 -1.39 11.76
N TYR A 70 6.47 -0.27 12.11
CA TYR A 70 7.10 0.83 12.84
C TYR A 70 6.74 0.69 14.32
N ASN A 71 7.80 0.68 15.14
CA ASN A 71 7.71 0.60 16.59
C ASN A 71 8.30 1.88 17.20
N ILE A 72 7.58 2.51 18.13
CA ILE A 72 8.08 3.67 18.81
C ILE A 72 9.23 3.33 19.77
N PRO A 73 10.06 4.33 20.09
CA PRO A 73 11.12 4.11 21.07
C PRO A 73 10.58 3.90 22.48
N CYS A 74 11.30 3.09 23.24
CA CYS A 74 11.23 3.07 24.70
C CYS A 74 12.57 3.62 25.23
N VAL A 75 12.53 4.78 25.90
CA VAL A 75 13.70 5.41 26.54
C VAL A 75 13.78 4.73 27.90
N SER A 76 14.70 3.78 28.00
CA SER A 76 14.78 2.78 29.10
C SER A 76 16.05 3.00 29.86
N SER A 77 16.17 2.28 30.98
CA SER A 77 17.36 2.35 31.81
C SER A 77 18.64 1.93 31.08
N SER A 78 18.55 1.12 30.05
CA SER A 78 19.74 0.65 29.30
C SER A 78 19.93 1.32 27.95
N GLY A 79 19.13 2.33 27.62
CA GLY A 79 19.24 3.07 26.37
C GLY A 79 17.89 3.15 25.67
N THR A 80 17.88 3.63 24.44
CA THR A 80 16.66 3.86 23.65
C THR A 80 16.55 2.77 22.59
N PHE A 81 15.48 1.96 22.65
CA PHE A 81 15.26 0.83 21.75
C PHE A 81 13.82 0.77 21.32
N PRO A 82 13.56 0.32 20.08
CA PRO A 82 12.18 0.21 19.60
C PRO A 82 11.39 -0.85 20.37
N CYS A 83 10.13 -0.56 20.70
CA CYS A 83 9.32 -1.48 21.48
C CYS A 83 8.24 -2.14 20.62
N PRO A 84 8.28 -3.45 20.42
CA PRO A 84 7.14 -4.13 19.77
C PRO A 84 5.85 -3.84 20.52
N GLN A 85 4.76 -3.50 19.85
CA GLN A 85 3.56 -3.05 20.55
CA GLN A 85 3.58 -3.05 20.58
C GLN A 85 3.05 -4.11 21.54
N GLU A 86 3.14 -5.39 21.18
CA GLU A 86 2.67 -6.45 22.07
C GLU A 86 3.51 -6.59 23.32
N ASP A 87 4.71 -6.01 23.35
CA ASP A 87 5.58 -6.00 24.52
C ASP A 87 5.38 -4.77 25.39
N SER A 88 4.57 -3.81 24.93
CA SER A 88 4.30 -2.64 25.76
C SER A 88 3.29 -3.03 26.84
N TYR A 89 3.47 -2.42 28.02
CA TYR A 89 2.58 -2.72 29.15
C TYR A 89 2.52 -1.55 30.11
N GLY A 90 1.54 -1.56 31.00
CA GLY A 90 1.49 -0.54 32.05
C GLY A 90 1.38 0.86 31.49
N ASN A 91 1.98 1.83 32.15
CA ASN A 91 1.88 3.21 31.78
CA ASN A 91 1.88 3.24 31.75
C ASN A 91 3.19 4.01 31.77
N TRP A 92 4.25 3.57 31.08
CA TRP A 92 4.37 2.32 30.30
C TRP A 92 5.80 1.81 30.39
N GLY A 93 5.89 0.53 30.12
CA GLY A 93 7.17 -0.18 30.00
C GLY A 93 7.14 -1.04 28.77
N CYS A 94 8.32 -1.62 28.50
CA CYS A 94 8.48 -2.52 27.35
C CYS A 94 9.16 -3.80 27.87
N LYS A 95 8.56 -4.95 27.62
CA LYS A 95 9.08 -6.20 28.20
CA LYS A 95 9.07 -6.23 28.15
C LYS A 95 10.56 -6.42 27.87
N GLY A 96 11.34 -6.63 28.93
CA GLY A 96 12.79 -6.76 28.81
C GLY A 96 13.57 -5.48 28.90
N MET A 97 12.87 -4.37 29.07
CA MET A 97 13.51 -3.04 29.14
C MET A 97 13.18 -2.27 30.41
N GLY A 98 12.14 -2.67 31.14
CA GLY A 98 11.64 -1.91 32.28
C GLY A 98 10.75 -0.76 31.83
N ALA A 99 10.61 0.22 32.71
CA ALA A 99 9.75 1.37 32.48
C ALA A 99 10.38 2.29 31.44
N CYS A 100 9.53 2.88 30.61
CA CYS A 100 9.93 3.83 29.61
C CYS A 100 9.64 5.25 30.05
N SER A 101 10.57 6.18 29.92
CA SER A 101 10.34 7.52 30.43
C SER A 101 9.66 8.47 29.47
N ASN A 102 9.57 8.07 28.22
CA ASN A 102 9.09 8.93 27.13
C ASN A 102 7.61 8.75 26.88
N SER A 103 7.01 9.72 26.22
CA SER A 103 5.58 9.69 25.91
C SER A 103 5.23 8.89 24.68
N GLN A 104 4.17 8.11 24.72
CA GLN A 104 3.61 7.48 23.54
C GLN A 104 2.87 8.45 22.63
N GLY A 105 2.66 9.69 23.07
CA GLY A 105 1.80 10.65 22.39
C GLY A 105 2.48 11.76 21.62
N ILE A 106 3.79 11.75 21.48
CA ILE A 106 4.55 12.75 20.74
C ILE A 106 4.97 12.19 19.39
N ALA A 107 5.39 13.06 18.49
CA ALA A 107 5.99 12.65 17.23
C ALA A 107 7.40 12.12 17.46
N TYR A 108 7.81 11.13 16.67
CA TYR A 108 9.15 10.58 16.65
C TYR A 108 9.68 10.59 15.23
N TRP A 109 10.97 10.91 15.09
CA TRP A 109 11.71 10.95 13.83
C TRP A 109 12.57 9.71 13.64
N SER A 110 12.53 9.11 12.46
CA SER A 110 13.23 7.87 12.17
C SER A 110 13.27 7.66 10.67
N THR A 111 14.23 6.82 10.26
CA THR A 111 14.32 6.35 8.88
C THR A 111 13.65 4.98 8.68
N ASP A 112 12.88 4.49 9.66
CA ASP A 112 12.28 3.17 9.58
CA ASP A 112 12.34 3.13 9.55
C ASP A 112 11.43 2.93 8.33
N LEU A 113 10.75 3.96 7.84
CA LEU A 113 9.91 3.81 6.65
C LEU A 113 10.80 3.99 5.41
N PHE A 114 11.30 2.89 4.85
CA PHE A 114 11.97 2.86 3.55
C PHE A 114 13.25 3.67 3.48
N GLY A 115 13.86 3.93 4.64
CA GLY A 115 15.07 4.72 4.73
C GLY A 115 14.89 6.22 4.71
N PHE A 116 13.65 6.68 4.59
CA PHE A 116 13.36 8.10 4.44
C PHE A 116 13.17 8.73 5.82
N TYR A 117 13.93 9.78 6.14
CA TYR A 117 13.84 10.40 7.46
C TYR A 117 12.59 11.27 7.56
N THR A 118 11.67 10.85 8.43
CA THR A 118 10.40 11.53 8.60
C THR A 118 9.86 11.14 9.97
N THR A 119 8.58 11.43 10.22
CA THR A 119 7.87 11.10 11.46
C THR A 119 6.93 9.90 11.21
N PRO A 120 7.39 8.66 11.46
CA PRO A 120 6.52 7.51 11.16
C PRO A 120 5.26 7.47 12.02
N THR A 121 5.30 8.15 13.15
CA THR A 121 4.14 8.33 14.02
C THR A 121 2.97 9.02 13.37
N ASN A 122 3.25 9.86 12.37
CA ASN A 122 2.22 10.73 11.82
C ASN A 122 2.67 11.14 10.41
N VAL A 123 2.14 10.40 9.44
CA VAL A 123 2.53 10.54 8.04
C VAL A 123 1.54 9.78 7.17
N THR A 124 1.43 10.17 5.90
CA THR A 124 0.72 9.38 4.91
C THR A 124 1.71 9.05 3.81
N LEU A 125 1.66 7.83 3.29
CA LEU A 125 2.54 7.50 2.17
CA LEU A 125 2.56 7.25 2.28
C LEU A 125 1.70 6.82 1.09
N GLU A 126 2.23 7.02 -0.12
CA GLU A 126 1.66 6.51 -1.35
C GLU A 126 2.70 5.65 -2.03
N MET A 127 2.41 4.36 -2.21
CA MET A 127 3.29 3.44 -2.92
C MET A 127 2.67 3.24 -4.31
N THR A 128 3.46 3.42 -5.38
CA THR A 128 2.98 3.18 -6.73
C THR A 128 3.98 2.32 -7.50
N GLY A 129 3.44 1.55 -8.45
CA GLY A 129 4.24 0.72 -9.34
C GLY A 129 3.26 -0.17 -10.13
N TYR A 130 3.83 -1.19 -10.74
CA TYR A 130 3.08 -2.13 -11.54
C TYR A 130 3.41 -3.53 -11.02
N PHE A 131 2.35 -4.30 -10.85
CA PHE A 131 2.45 -5.71 -10.48
C PHE A 131 2.45 -6.55 -11.74
N LEU A 132 3.47 -7.41 -11.85
CA LEU A 132 3.67 -8.29 -13.00
C LEU A 132 3.34 -9.73 -12.62
N PRO A 133 2.16 -10.23 -13.01
CA PRO A 133 1.85 -11.59 -12.67
C PRO A 133 2.68 -12.58 -13.51
N PRO A 134 3.32 -13.58 -12.90
CA PRO A 134 4.04 -14.58 -13.68
C PRO A 134 3.13 -15.70 -14.22
N GLN A 135 1.97 -15.81 -13.59
CA GLN A 135 0.95 -16.85 -13.77
CA GLN A 135 1.01 -16.83 -13.97
C GLN A 135 -0.40 -16.23 -14.04
N THR A 136 -1.19 -16.75 -14.98
CA THR A 136 -2.56 -16.28 -15.16
C THR A 136 -3.43 -16.91 -14.10
N GLY A 137 -4.28 -16.13 -13.45
CA GLY A 137 -5.25 -16.64 -12.49
C GLY A 137 -5.60 -15.61 -11.43
N SER A 138 -6.20 -16.10 -10.35
CA SER A 138 -6.72 -15.28 -9.28
CA SER A 138 -6.70 -15.26 -9.26
C SER A 138 -5.59 -15.00 -8.27
N TYR A 139 -5.39 -13.71 -7.96
CA TYR A 139 -4.43 -13.23 -6.98
C TYR A 139 -5.23 -12.63 -5.83
N THR A 140 -4.93 -13.03 -4.59
CA THR A 140 -5.61 -12.45 -3.43
C THR A 140 -4.61 -11.62 -2.60
N PHE A 141 -4.79 -10.29 -2.65
CA PHE A 141 -3.98 -9.36 -1.86
C PHE A 141 -4.57 -9.29 -0.47
N SER A 142 -3.69 -9.07 0.52
CA SER A 142 -4.16 -8.94 1.90
C SER A 142 -3.32 -8.00 2.75
N PHE A 143 -4.02 -7.41 3.69
CA PHE A 143 -3.37 -6.76 4.83
C PHE A 143 -3.61 -7.63 6.08
N ALA A 144 -2.58 -8.04 6.79
CA ALA A 144 -2.86 -8.90 7.94
C ALA A 144 -3.57 -8.13 9.07
N THR A 145 -3.25 -6.85 9.19
CA THR A 145 -3.85 -5.85 10.08
C THR A 145 -3.57 -4.47 9.46
N VAL A 146 -4.19 -3.46 10.04
CA VAL A 146 -4.02 -2.06 9.58
C VAL A 146 -3.93 -1.15 10.80
N ASP A 147 -2.84 -0.40 10.95
CA ASP A 147 -2.70 0.60 11.99
C ASP A 147 -1.99 1.79 11.34
N ASP A 148 -2.69 2.87 10.98
CA ASP A 148 -4.09 3.21 11.28
CA ASP A 148 -4.09 3.22 11.26
C ASP A 148 -5.08 3.03 10.12
N SER A 149 -4.73 3.39 8.90
CA SER A 149 -5.71 3.43 7.79
C SER A 149 -4.95 3.11 6.51
N ALA A 150 -5.58 2.35 5.63
CA ALA A 150 -4.89 2.02 4.38
C ALA A 150 -5.86 1.53 3.31
N ILE A 151 -5.48 1.72 2.06
CA ILE A 151 -6.16 1.14 0.90
C ILE A 151 -5.11 0.51 -0.02
N LEU A 152 -5.60 -0.45 -0.81
CA LEU A 152 -4.81 -1.05 -1.90
C LEU A 152 -5.72 -1.05 -3.13
N SER A 153 -5.20 -0.60 -4.27
CA SER A 153 -5.95 -0.59 -5.52
C SER A 153 -5.10 -1.19 -6.63
N VAL A 154 -5.77 -1.99 -7.45
CA VAL A 154 -5.13 -2.65 -8.59
C VAL A 154 -5.92 -2.36 -9.87
N GLY A 155 -5.17 -1.96 -10.90
CA GLY A 155 -5.77 -1.86 -12.25
C GLY A 155 -5.67 -0.47 -12.82
N GLY A 156 -5.52 -0.44 -14.16
CA GLY A 156 -5.63 0.82 -14.90
C GLY A 156 -6.95 1.48 -14.57
N SER A 157 -6.91 2.80 -14.41
CA SER A 157 -8.10 3.61 -14.08
C SER A 157 -8.61 3.38 -12.66
N ILE A 158 -7.90 2.60 -11.85
CA ILE A 158 -8.28 2.33 -10.48
C ILE A 158 -7.12 2.75 -9.59
N ALA A 159 -5.94 2.15 -9.76
CA ALA A 159 -4.74 2.57 -9.05
C ALA A 159 -4.21 3.88 -9.59
N PHE A 160 -4.04 3.97 -10.92
CA PHE A 160 -3.52 5.13 -11.68
C PHE A 160 -3.72 4.79 -13.16
N GLU A 161 -3.35 5.71 -14.05
CA GLU A 161 -3.48 5.49 -15.48
C GLU A 161 -2.21 4.88 -16.08
N CYS A 162 -2.43 3.98 -17.05
CA CYS A 162 -1.30 3.34 -17.70
C CYS A 162 -0.29 4.34 -18.26
N CYS A 163 0.99 4.05 -18.02
CA CYS A 163 2.09 4.90 -18.52
C CYS A 163 2.11 6.26 -17.86
N ALA A 164 1.41 6.42 -16.75
CA ALA A 164 1.27 7.72 -16.06
C ALA A 164 1.42 7.55 -14.54
N GLN A 165 2.35 6.68 -14.16
CA GLN A 165 2.64 6.36 -12.74
C GLN A 165 2.95 7.58 -11.88
N GLU A 166 3.59 8.58 -12.46
CA GLU A 166 4.11 9.72 -11.69
C GLU A 166 3.15 10.91 -11.60
N GLN A 167 1.96 10.77 -12.15
CA GLN A 167 0.97 11.84 -12.18
C GLN A 167 0.31 12.03 -10.83
N PRO A 168 -0.35 13.18 -10.63
CA PRO A 168 -1.16 13.32 -9.43
C PRO A 168 -2.18 12.18 -9.35
N PRO A 169 -2.61 11.82 -8.13
CA PRO A 169 -3.49 10.66 -8.02
C PRO A 169 -4.83 10.89 -8.71
N ILE A 170 -5.37 9.80 -9.23
CA ILE A 170 -6.68 9.75 -9.83
C ILE A 170 -7.71 9.63 -8.72
N THR A 171 -8.96 9.88 -9.08
CA THR A 171 -10.00 9.99 -8.06
C THR A 171 -10.77 8.72 -7.74
N SER A 172 -10.45 7.61 -8.37
CA SER A 172 -11.18 6.37 -8.11
C SER A 172 -11.14 5.93 -6.66
N THR A 173 -12.31 5.65 -6.09
CA THR A 173 -12.45 5.06 -4.77
C THR A 173 -12.86 3.59 -4.89
N ASN A 174 -12.70 2.96 -6.05
CA ASN A 174 -13.03 1.55 -6.23
C ASN A 174 -11.90 0.63 -5.70
N PHE A 175 -11.63 0.73 -4.40
CA PHE A 175 -10.45 0.07 -3.83
C PHE A 175 -10.57 -1.45 -3.92
N THR A 176 -9.41 -2.08 -4.11
CA THR A 176 -9.30 -3.53 -4.08
C THR A 176 -9.36 -4.04 -2.63
N ILE A 177 -8.66 -3.36 -1.73
CA ILE A 177 -8.79 -3.57 -0.29
C ILE A 177 -9.12 -2.21 0.32
N ASN A 178 -10.27 -2.14 0.99
CA ASN A 178 -10.65 -0.95 1.76
C ASN A 178 -10.31 -1.26 3.20
N GLY A 179 -9.18 -0.70 3.62
CA GLY A 179 -8.75 -0.79 5.02
C GLY A 179 -8.82 0.57 5.71
N ILE A 180 -9.75 1.43 5.29
CA ILE A 180 -9.94 2.78 5.85
C ILE A 180 -10.42 2.64 7.30
N LYS A 181 -9.86 3.44 8.19
CA LYS A 181 -10.25 3.39 9.61
CA LYS A 181 -10.25 3.42 9.60
C LYS A 181 -11.71 3.82 9.73
N PRO A 182 -12.60 2.94 10.26
CA PRO A 182 -13.99 3.34 10.43
C PRO A 182 -14.11 4.47 11.45
N TRP A 183 -15.18 5.24 11.23
CA TRP A 183 -15.53 6.36 12.10
C TRP A 183 -15.81 5.87 13.52
N ASP A 184 -16.45 4.72 13.68
CA ASP A 184 -16.78 4.14 15.00
C ASP A 184 -15.52 3.58 15.66
N GLY A 185 -14.93 2.57 15.05
CA GLY A 185 -13.68 2.03 15.58
C GLY A 185 -13.39 0.64 15.04
N SER A 186 -12.10 0.36 14.96
CA SER A 186 -11.47 -0.89 14.46
C SER A 186 -12.13 -1.85 13.46
N LEU A 187 -11.27 -2.45 12.64
N LEU A 187 -11.33 -2.29 12.49
CA LEU A 187 -11.68 -3.57 11.82
CA LEU A 187 -11.70 -3.18 11.38
C LEU A 187 -12.59 -3.06 10.70
C LEU A 187 -11.13 -4.57 11.68
N PRO A 188 -11.91 -2.61 9.65
N PRO A 188 -11.74 -5.62 11.13
CA PRO A 188 -12.66 -2.41 8.43
CA PRO A 188 -11.20 -6.93 11.43
C PRO A 188 -13.27 -3.80 8.27
C PRO A 188 -9.84 -7.05 10.75
N ASP A 189 -14.32 -3.89 7.46
N ASP A 189 -9.12 -8.12 11.07
CA ASP A 189 -15.03 -5.14 7.22
CA ASP A 189 -7.81 -8.38 10.53
C ASP A 189 -14.18 -6.21 6.54
C ASP A 189 -7.97 -9.27 9.32
N ASN A 190 -13.36 -5.83 5.57
N ASN A 190 -6.92 -9.37 8.51
CA ASN A 190 -12.64 -6.82 4.79
CA ASN A 190 -6.88 -10.20 7.33
C ASN A 190 -11.27 -6.27 4.39
C ASN A 190 -7.94 -9.81 6.32
N ILE A 191 -10.21 -6.96 4.81
N ILE A 191 -7.87 -8.52 6.00
CA ILE A 191 -8.90 -6.51 4.39
CA ILE A 191 -8.68 -7.82 5.01
C ILE A 191 -8.20 -7.49 3.42
C ILE A 191 -8.07 -8.05 3.64
N THR A 192 -8.96 -8.32 2.70
CA THR A 192 -8.47 -8.95 1.45
C THR A 192 -9.25 -8.46 0.22
N GLY A 193 -8.65 -8.66 -0.94
CA GLY A 193 -9.32 -8.37 -2.20
C GLY A 193 -8.64 -9.20 -3.28
N THR A 194 -9.48 -9.70 -4.19
CA THR A 194 -8.97 -10.59 -5.26
CA THR A 194 -9.09 -10.62 -5.26
C THR A 194 -9.11 -9.94 -6.62
N VAL A 195 -8.11 -10.20 -7.45
CA VAL A 195 -8.03 -9.69 -8.83
C VAL A 195 -7.63 -10.85 -9.73
N TYR A 196 -8.34 -11.01 -10.87
CA TYR A 196 -7.96 -12.01 -11.87
C TYR A 196 -6.94 -11.34 -12.81
N MET A 197 -5.75 -11.91 -12.96
CA MET A 197 -4.70 -11.28 -13.76
CA MET A 197 -4.70 -11.26 -13.76
C MET A 197 -4.16 -12.23 -14.80
N TYR A 198 -3.79 -11.69 -15.95
CA TYR A 198 -3.22 -12.40 -17.09
C TYR A 198 -1.71 -12.21 -17.09
N ALA A 199 -0.96 -13.31 -17.17
CA ALA A 199 0.50 -13.31 -17.12
C ALA A 199 1.13 -12.36 -18.12
N GLY A 200 2.14 -11.60 -17.66
CA GLY A 200 2.93 -10.79 -18.57
C GLY A 200 2.42 -9.39 -18.82
N TYR A 201 1.22 -9.04 -18.32
CA TYR A 201 0.69 -7.69 -18.38
C TYR A 201 1.09 -6.97 -17.09
N TYR A 202 1.30 -5.65 -17.17
CA TYR A 202 1.64 -4.83 -16.02
C TYR A 202 0.41 -4.18 -15.45
N TYR A 203 0.09 -4.53 -14.19
CA TYR A 203 -1.12 -4.02 -13.54
C TYR A 203 -0.78 -2.90 -12.57
N PRO A 204 -1.27 -1.68 -12.84
CA PRO A 204 -1.05 -0.60 -11.88
C PRO A 204 -1.44 -1.02 -10.47
N LEU A 205 -0.59 -0.66 -9.50
CA LEU A 205 -0.78 -0.96 -8.07
C LEU A 205 -0.51 0.30 -7.25
N LYS A 206 -1.47 0.61 -6.38
CA LYS A 206 -1.32 1.73 -5.47
C LYS A 206 -1.66 1.27 -4.06
N VAL A 207 -0.81 1.63 -3.10
CA VAL A 207 -1.10 1.46 -1.69
C VAL A 207 -1.02 2.83 -1.01
N VAL A 208 -2.07 3.24 -0.27
CA VAL A 208 -2.02 4.50 0.48
C VAL A 208 -2.17 4.07 1.93
N TYR A 209 -1.27 4.56 2.78
CA TYR A 209 -1.16 4.19 4.19
C TYR A 209 -1.00 5.42 5.06
N SER A 210 -1.74 5.46 6.19
CA SER A 210 -1.60 6.57 7.13
CA SER A 210 -1.64 6.56 7.14
C SER A 210 -1.46 6.07 8.57
N ASN A 211 -0.62 6.77 9.31
CA ASN A 211 -0.47 6.63 10.76
C ASN A 211 -0.72 7.99 11.39
N ALA A 212 -1.50 8.02 12.48
CA ALA A 212 -1.76 9.24 13.23
C ALA A 212 -1.02 9.34 14.56
N VAL A 213 -0.66 8.20 15.16
CA VAL A 213 0.04 8.22 16.43
C VAL A 213 0.75 6.88 16.62
N SER A 214 1.83 6.96 17.39
CA SER A 214 2.62 5.82 17.85
C SER A 214 2.82 4.73 16.77
N TRP A 215 2.48 3.49 17.06
CA TRP A 215 2.83 2.37 16.21
C TRP A 215 2.19 2.45 14.83
N GLY A 216 2.89 1.91 13.84
CA GLY A 216 2.37 1.81 12.48
C GLY A 216 2.54 0.42 11.96
N THR A 217 1.50 -0.18 11.37
CA THR A 217 1.59 -1.58 10.96
C THR A 217 0.74 -1.80 9.70
N LEU A 218 1.37 -2.43 8.70
CA LEU A 218 0.69 -2.80 7.46
C LEU A 218 1.46 -3.98 6.82
N PRO A 219 1.11 -5.23 7.20
CA PRO A 219 1.80 -6.44 6.65
C PRO A 219 1.06 -6.80 5.35
N ILE A 220 1.73 -6.63 4.22
CA ILE A 220 1.15 -6.83 2.88
C ILE A 220 1.60 -8.18 2.33
N SER A 221 0.61 -8.92 1.80
CA SER A 221 0.85 -10.21 1.18
CA SER A 221 0.90 -10.19 1.16
C SER A 221 0.00 -10.38 -0.07
N VAL A 222 0.37 -11.37 -0.89
CA VAL A 222 -0.45 -11.79 -2.01
C VAL A 222 -0.38 -13.32 -2.13
N GLU A 223 -1.54 -13.92 -2.34
CA GLU A 223 -1.64 -15.36 -2.64
C GLU A 223 -1.72 -15.48 -4.16
N LEU A 224 -0.78 -16.26 -4.70
CA LEU A 224 -0.69 -16.49 -6.15
C LEU A 224 -1.67 -17.57 -6.61
N PRO A 225 -1.90 -17.68 -7.92
CA PRO A 225 -2.77 -18.74 -8.44
C PRO A 225 -2.35 -20.15 -8.02
N ASP A 226 -1.06 -20.38 -7.84
CA ASP A 226 -0.60 -21.72 -7.44
C ASP A 226 -0.78 -21.99 -5.95
N GLY A 227 -1.33 -21.04 -5.19
CA GLY A 227 -1.61 -21.23 -3.78
C GLY A 227 -0.54 -20.79 -2.81
N THR A 228 0.63 -20.44 -3.33
CA THR A 228 1.73 -19.94 -2.52
C THR A 228 1.42 -18.49 -2.16
N THR A 229 2.01 -18.05 -1.05
CA THR A 229 1.86 -16.67 -0.57
C THR A 229 3.23 -15.99 -0.57
N VAL A 230 3.23 -14.76 -1.07
CA VAL A 230 4.37 -13.85 -1.06
C VAL A 230 4.05 -12.75 -0.03
N SER A 231 4.91 -12.61 0.97
CA SER A 231 4.72 -11.65 2.06
C SER A 231 5.89 -10.68 2.14
N ASP A 232 5.58 -9.39 2.23
CA ASP A 232 6.52 -8.31 2.55
C ASP A 232 7.44 -7.98 1.38
N ASN A 233 8.30 -8.91 0.97
CA ASN A 233 9.28 -8.74 -0.09
CA ASN A 233 9.22 -8.57 -0.11
C ASN A 233 8.65 -9.11 -1.43
N PHE A 234 8.34 -8.13 -2.27
CA PHE A 234 7.68 -8.29 -3.58
C PHE A 234 8.68 -8.20 -4.72
N GLU A 235 9.97 -8.41 -4.45
CA GLU A 235 10.99 -8.38 -5.50
C GLU A 235 10.60 -9.43 -6.56
N GLY A 236 10.70 -9.04 -7.83
CA GLY A 236 10.35 -9.87 -8.95
C GLY A 236 8.91 -9.73 -9.37
N TYR A 237 8.07 -9.07 -8.58
CA TYR A 237 6.67 -8.82 -8.86
C TYR A 237 6.31 -7.37 -9.11
N VAL A 238 7.04 -6.41 -8.56
CA VAL A 238 6.70 -4.99 -8.64
C VAL A 238 7.83 -4.18 -9.29
N TYR A 239 7.37 -3.28 -10.19
CA TYR A 239 8.24 -2.47 -11.06
C TYR A 239 7.70 -1.07 -11.22
N SER A 240 8.57 -0.17 -11.64
CA SER A 240 8.21 1.21 -11.95
C SER A 240 8.64 1.54 -13.39
N PHE A 241 7.91 2.44 -14.04
CA PHE A 241 8.28 3.02 -15.30
C PHE A 241 8.08 4.52 -15.20
N ASP A 242 9.05 5.27 -15.70
CA ASP A 242 8.87 6.72 -15.81
C ASP A 242 7.69 7.03 -16.74
N ASP A 243 6.94 8.10 -16.49
CA ASP A 243 5.82 8.47 -17.34
C ASP A 243 6.18 8.51 -18.81
N ASP A 244 5.23 8.04 -19.60
CA ASP A 244 5.29 8.25 -21.05
C ASP A 244 3.87 8.41 -21.56
N LEU A 245 3.38 9.64 -21.47
CA LEU A 245 2.00 9.98 -21.81
C LEU A 245 1.78 9.93 -23.33
N SER A 246 2.86 9.80 -24.09
CA SER A 246 2.83 9.75 -25.55
CA SER A 246 2.65 9.77 -25.54
C SER A 246 2.67 8.34 -26.12
N GLN A 247 2.83 7.30 -25.28
CA GLN A 247 2.79 5.93 -25.76
C GLN A 247 1.36 5.49 -26.01
N SER A 248 0.93 5.62 -27.26
CA SER A 248 -0.48 5.46 -27.60
C SER A 248 -1.11 4.13 -27.25
N ASN A 249 -0.34 3.05 -27.40
CA ASN A 249 -0.86 1.68 -27.21
C ASN A 249 -0.68 1.16 -25.79
N CYS A 250 -0.36 2.01 -24.81
CA CYS A 250 0.04 1.51 -23.49
C CYS A 250 -1.09 0.83 -22.71
N THR A 251 -2.32 1.31 -22.86
CA THR A 251 -3.43 0.77 -22.10
C THR A 251 -4.04 -0.45 -22.78
N ILE A 252 -4.25 -1.52 -22.01
CA ILE A 252 -4.87 -2.77 -22.47
C ILE A 252 -6.20 -2.88 -21.73
N PRO A 253 -7.29 -2.41 -22.36
CA PRO A 253 -8.56 -2.39 -21.62
C PRO A 253 -9.07 -3.76 -21.24
N ASP A 254 -8.72 -4.78 -22.00
CA ASP A 254 -9.21 -6.13 -21.75
C ASP A 254 -8.13 -7.16 -22.11
N PRO A 255 -7.33 -7.36 -21.10
N PRO A 255 -7.17 -7.56 -21.24
CA PRO A 255 -6.33 -8.39 -21.21
CA PRO A 255 -6.05 -8.44 -21.66
C PRO A 255 -6.97 -9.74 -21.46
C PRO A 255 -6.36 -9.84 -22.20
N SER A 256 -8.26 -9.97 -21.23
N SER A 256 -7.53 -10.38 -21.83
CA SER A 256 -8.87 -11.27 -21.51
CA SER A 256 -7.92 -11.72 -22.21
C SER A 256 -8.97 -11.57 -23.01
C SER A 256 -8.22 -11.75 -23.70
N ILE A 257 -8.82 -10.57 -23.92
N ILE A 257 -8.49 -10.58 -24.29
CA ILE A 257 -8.81 -10.74 -25.39
CA ILE A 257 -8.89 -10.68 -25.67
C ILE A 257 -7.70 -10.04 -26.24
C ILE A 257 -7.60 -10.32 -26.37
N HIS A 258 -6.72 -9.51 -25.51
N HIS A 258 -6.72 -9.46 -25.86
CA HIS A 258 -5.66 -8.79 -26.17
CA HIS A 258 -5.54 -8.84 -26.50
C HIS A 258 -4.73 -9.88 -26.69
C HIS A 258 -4.56 -9.58 -27.43
C1 MAN B . -3.69 5.23 22.30
C2 MAN B . -2.33 4.58 21.99
C3 MAN B . -1.14 5.51 22.30
C4 MAN B . -1.39 6.91 21.74
C5 MAN B . -2.76 7.46 22.14
C6 MAN B . -3.04 8.83 21.56
O1 MAN B . -3.80 5.16 23.71
O2 MAN B . -2.24 4.32 20.58
O3 MAN B . 0.08 4.98 21.83
O4 MAN B . -0.43 7.81 22.25
O5 MAN B . -3.76 6.52 21.70
O6 MAN B . -4.22 9.37 22.11
C1 MAN B . -2.85 3.09 20.14
C2 MAN B . -1.87 2.42 19.17
C3 MAN B . -1.73 3.34 17.96
C4 MAN B . -3.07 3.66 17.30
C5 MAN B . -3.97 4.27 18.38
C6 MAN B . -5.38 4.55 17.88
O2 MAN B . -2.36 1.17 18.74
O3 MAN B . -0.79 2.86 17.05
O4 MAN B . -2.88 4.55 16.22
O5 MAN B . -4.07 3.38 19.49
O6 MAN B . -5.98 3.34 17.49
CA CA C . -0.91 4.14 14.98
NA NA D . 5.40 -3.81 15.35
CL CL E . 10.24 -5.34 31.77
NA NA F . 14.13 3.51 18.84
CA CA G . -8.78 5.84 -17.64
#